data_1UC9
#
_entry.id   1UC9
#
_cell.length_a   126.591
_cell.length_b   52.145
_cell.length_c   105.105
_cell.angle_alpha   90.00
_cell.angle_beta   123.24
_cell.angle_gamma   90.00
#
_symmetry.space_group_name_H-M   'C 1 2 1'
#
loop_
_entity.id
_entity.type
_entity.pdbx_description
1 polymer 'lysine biosynthesis enzyme'
2 non-polymer "ADENOSINE-5'-DIPHOSPHATE"
3 water water
#
_entity_poly.entity_id   1
_entity_poly.type   'polypeptide(L)'
_entity_poly.pdbx_seq_one_letter_code
;MLAILYDRIRPDERMLFERAEALGLPYKKVYVPALPMVLGERPKELEGVTVALERCVSQSRGLAAARYLTALGIPVVNRP
EVIEACGDKWATSVALAKAGLPQPKTALATDREEALRLMEAFGYPVVLKPVIGSWGRL(UNK)(UNK)(UNK)(UNK)
(UNK)(UNK)(UNK)(UNK)(UNK)(UNK)(UNK)(UNK)(UNK)(UNK)(UNK)(UNK)KEVLGGFQHQLFYIQEYVEK
PGRDIRVFVVGERAIAAIYRRSAHWITNTARGGQAENCPLTEEVARLSVKAAEAVGGGVVAVDLFESERGLLVNEVNHTM
EFKNSVHTTGVDIPGEILKYAWSLAS
;
_entity_poly.pdbx_strand_id   A,B
#
# COMPACT_ATOMS: atom_id res chain seq x y z
N MET A 1 2.21 -21.35 19.30
CA MET A 1 3.47 -20.69 19.75
C MET A 1 3.78 -19.46 18.90
N LEU A 2 4.61 -18.58 19.44
CA LEU A 2 5.00 -17.35 18.77
C LEU A 2 6.11 -17.59 17.76
N ALA A 3 6.07 -16.83 16.67
CA ALA A 3 7.10 -16.96 15.64
C ALA A 3 7.71 -15.58 15.39
N ILE A 4 9.04 -15.48 15.51
CA ILE A 4 9.74 -14.21 15.28
C ILE A 4 10.38 -14.23 13.88
N LEU A 5 9.78 -13.50 12.93
CA LEU A 5 10.31 -13.47 11.57
C LEU A 5 11.47 -12.48 11.45
N TYR A 6 12.60 -12.93 10.89
CA TYR A 6 13.76 -12.06 10.75
C TYR A 6 14.63 -12.40 9.54
N ASP A 7 15.56 -11.50 9.21
CA ASP A 7 16.49 -11.72 8.11
C ASP A 7 17.93 -11.52 8.63
N ARG A 8 18.23 -10.33 9.12
CA ARG A 8 19.55 -10.02 9.68
C ARG A 8 19.38 -9.88 11.20
N ILE A 9 20.23 -10.51 11.98
CA ILE A 9 20.11 -10.40 13.44
C ILE A 9 20.87 -9.21 14.05
N ARG A 10 20.11 -8.24 14.54
CA ARG A 10 20.65 -7.04 15.18
C ARG A 10 20.49 -7.19 16.70
N PRO A 11 21.20 -6.35 17.49
CA PRO A 11 21.07 -6.45 18.94
C PRO A 11 19.61 -6.45 19.38
N ASP A 12 18.76 -5.71 18.67
CA ASP A 12 17.34 -5.64 19.00
C ASP A 12 16.70 -7.04 18.94
N GLU A 13 17.02 -7.80 17.90
CA GLU A 13 16.47 -9.14 17.74
C GLU A 13 17.05 -10.08 18.78
N ARG A 14 18.34 -9.87 19.08
CA ARG A 14 19.04 -10.67 20.07
C ARG A 14 18.33 -10.50 21.42
N MET A 15 18.04 -9.26 21.77
CA MET A 15 17.37 -8.95 23.02
C MET A 15 15.98 -9.57 23.07
N LEU A 16 15.31 -9.62 21.92
CA LEU A 16 13.98 -10.22 21.84
C LEU A 16 14.04 -11.72 22.16
N PHE A 17 15.03 -12.40 21.59
CA PHE A 17 15.18 -13.84 21.83
C PHE A 17 15.39 -14.11 23.32
N GLU A 18 16.31 -13.36 23.93
CA GLU A 18 16.64 -13.51 25.34
C GLU A 18 15.46 -13.27 26.29
N ARG A 19 14.67 -12.25 26.02
CA ARG A 19 13.52 -11.97 26.88
C ARG A 19 12.44 -13.05 26.78
N ALA A 20 12.22 -13.58 25.58
CA ALA A 20 11.21 -14.63 25.38
C ALA A 20 11.61 -15.89 26.17
N GLU A 21 12.91 -16.17 26.20
CA GLU A 21 13.45 -17.32 26.91
C GLU A 21 13.26 -17.17 28.41
N ALA A 22 13.49 -15.97 28.93
CA ALA A 22 13.36 -15.69 30.35
C ALA A 22 11.87 -15.66 30.74
N LEU A 23 11.03 -15.17 29.84
CA LEU A 23 9.60 -15.07 30.12
C LEU A 23 8.89 -16.41 30.06
N GLY A 24 9.55 -17.41 29.49
CA GLY A 24 8.91 -18.72 29.37
C GLY A 24 7.74 -18.62 28.40
N LEU A 25 7.99 -17.95 27.28
CA LEU A 25 6.98 -17.75 26.25
C LEU A 25 7.40 -18.60 25.03
N PRO A 26 6.60 -19.62 24.70
CA PRO A 26 6.89 -20.53 23.57
C PRO A 26 7.03 -19.84 22.21
N TYR A 27 8.18 -20.03 21.58
CA TYR A 27 8.40 -19.39 20.30
C TYR A 27 9.45 -20.15 19.50
N LYS A 28 9.68 -19.67 18.28
CA LYS A 28 10.67 -20.26 17.39
C LYS A 28 11.17 -19.19 16.42
N LYS A 29 12.42 -19.29 15.99
CA LYS A 29 12.99 -18.34 15.06
C LYS A 29 12.67 -18.79 13.61
N VAL A 30 12.30 -17.83 12.75
CA VAL A 30 12.00 -18.16 11.35
C VAL A 30 12.77 -17.25 10.38
N TYR A 31 13.73 -17.85 9.66
CA TYR A 31 14.55 -17.13 8.69
C TYR A 31 13.76 -16.93 7.40
N VAL A 32 13.23 -15.72 7.21
CA VAL A 32 12.42 -15.40 6.05
C VAL A 32 13.02 -15.63 4.64
N PRO A 33 14.24 -15.15 4.38
CA PRO A 33 14.82 -15.35 3.04
C PRO A 33 14.65 -16.76 2.47
N ALA A 34 14.69 -17.76 3.35
CA ALA A 34 14.57 -19.15 2.92
C ALA A 34 13.20 -19.80 3.13
N LEU A 35 12.21 -19.00 3.50
CA LEU A 35 10.86 -19.50 3.73
C LEU A 35 10.04 -19.61 2.43
N PRO A 36 9.54 -20.82 2.10
CA PRO A 36 8.74 -20.99 0.88
C PRO A 36 7.34 -20.45 1.12
N MET A 37 6.96 -19.40 0.40
CA MET A 37 5.63 -18.81 0.59
C MET A 37 4.72 -19.11 -0.61
N VAL A 38 4.06 -20.26 -0.55
CA VAL A 38 3.15 -20.71 -1.61
C VAL A 38 1.73 -20.60 -1.10
N LEU A 39 0.91 -19.79 -1.77
CA LEU A 39 -0.47 -19.64 -1.33
C LEU A 39 -1.17 -21.00 -1.37
N GLY A 40 -1.96 -21.27 -0.34
CA GLY A 40 -2.66 -22.54 -0.31
C GLY A 40 -1.95 -23.66 0.42
N GLU A 41 -0.67 -23.48 0.76
CA GLU A 41 0.01 -24.53 1.50
C GLU A 41 1.01 -24.05 2.56
N ARG A 42 0.63 -24.23 3.82
CA ARG A 42 1.45 -23.84 4.96
C ARG A 42 2.79 -24.56 5.04
N PRO A 43 3.89 -23.80 5.11
CA PRO A 43 5.28 -24.29 5.20
C PRO A 43 5.53 -25.08 6.49
N LYS A 44 6.55 -25.94 6.45
CA LYS A 44 6.93 -26.76 7.61
C LYS A 44 7.36 -25.87 8.78
N GLU A 45 8.14 -24.83 8.47
CA GLU A 45 8.64 -23.93 9.49
C GLU A 45 7.55 -23.22 10.28
N LEU A 46 6.34 -23.13 9.72
CA LEU A 46 5.24 -22.45 10.39
C LEU A 46 4.31 -23.39 11.12
N GLU A 47 4.64 -24.68 11.14
CA GLU A 47 3.81 -25.65 11.82
C GLU A 47 3.73 -25.29 13.30
N GLY A 48 2.51 -25.13 13.80
CA GLY A 48 2.29 -24.81 15.20
C GLY A 48 2.37 -23.34 15.59
N VAL A 49 2.46 -22.45 14.61
CA VAL A 49 2.54 -21.02 14.89
C VAL A 49 1.16 -20.40 15.00
N THR A 50 0.90 -19.71 16.11
CA THR A 50 -0.39 -19.09 16.36
C THR A 50 -0.37 -17.55 16.30
N VAL A 51 0.82 -16.99 16.23
CA VAL A 51 0.96 -15.53 16.14
C VAL A 51 2.38 -15.21 15.73
N ALA A 52 2.57 -14.12 14.99
CA ALA A 52 3.92 -13.78 14.55
C ALA A 52 4.36 -12.32 14.79
N LEU A 53 5.66 -12.15 15.02
CA LEU A 53 6.24 -10.82 15.23
C LEU A 53 7.16 -10.56 14.00
N GLU A 54 6.76 -9.60 13.17
CA GLU A 54 7.49 -9.28 11.94
C GLU A 54 8.70 -8.36 12.17
N ARG A 55 9.89 -8.96 12.24
CA ARG A 55 11.12 -8.25 12.50
C ARG A 55 12.21 -8.19 11.42
N CYS A 56 11.85 -8.13 10.14
CA CYS A 56 12.86 -8.08 9.08
C CYS A 56 13.43 -6.67 8.89
N VAL A 57 14.72 -6.60 8.57
CA VAL A 57 15.36 -5.31 8.33
C VAL A 57 14.86 -4.72 7.01
N SER A 58 14.64 -5.58 6.02
CA SER A 58 14.14 -5.15 4.71
C SER A 58 12.63 -4.89 4.74
N GLN A 59 12.22 -3.67 4.39
CA GLN A 59 10.78 -3.34 4.40
C GLN A 59 9.99 -4.14 3.39
N SER A 60 10.47 -4.19 2.15
CA SER A 60 9.77 -4.91 1.09
C SER A 60 9.58 -6.37 1.48
N ARG A 61 10.62 -6.98 2.05
CA ARG A 61 10.56 -8.36 2.49
C ARG A 61 9.56 -8.54 3.65
N GLY A 62 9.67 -7.69 4.67
CA GLY A 62 8.79 -7.78 5.82
C GLY A 62 7.32 -7.61 5.47
N LEU A 63 7.03 -6.73 4.52
CA LEU A 63 5.65 -6.49 4.11
C LEU A 63 5.11 -7.67 3.32
N ALA A 64 5.94 -8.26 2.48
CA ALA A 64 5.53 -9.41 1.67
C ALA A 64 5.19 -10.58 2.59
N ALA A 65 6.04 -10.81 3.59
CA ALA A 65 5.82 -11.91 4.55
C ALA A 65 4.55 -11.65 5.38
N ALA A 66 4.38 -10.42 5.86
CA ALA A 66 3.20 -10.09 6.65
C ALA A 66 1.91 -10.37 5.88
N ARG A 67 1.94 -10.10 4.58
CA ARG A 67 0.79 -10.36 3.73
C ARG A 67 0.52 -11.85 3.62
N TYR A 68 1.58 -12.64 3.45
CA TYR A 68 1.45 -14.08 3.36
C TYR A 68 0.79 -14.64 4.63
N LEU A 69 1.27 -14.20 5.80
CA LEU A 69 0.70 -14.66 7.06
C LEU A 69 -0.80 -14.39 7.13
N THR A 70 -1.26 -13.21 6.70
CA THR A 70 -2.69 -12.94 6.75
C THR A 70 -3.44 -13.91 5.82
N ALA A 71 -2.77 -14.41 4.77
CA ALA A 71 -3.42 -15.36 3.86
C ALA A 71 -3.56 -16.74 4.54
N LEU A 72 -2.60 -17.08 5.40
CA LEU A 72 -2.64 -18.36 6.13
C LEU A 72 -3.53 -18.22 7.37
N GLY A 73 -4.11 -17.03 7.57
CA GLY A 73 -4.96 -16.79 8.71
C GLY A 73 -4.24 -16.69 10.06
N ILE A 74 -2.95 -16.39 10.03
CA ILE A 74 -2.16 -16.27 11.25
C ILE A 74 -2.01 -14.78 11.59
N PRO A 75 -2.41 -14.37 12.79
CA PRO A 75 -2.29 -12.95 13.14
C PRO A 75 -0.82 -12.51 13.18
N VAL A 76 -0.54 -11.33 12.65
CA VAL A 76 0.84 -10.84 12.63
C VAL A 76 0.95 -9.45 13.28
N VAL A 77 1.86 -9.32 14.25
CA VAL A 77 1.98 -8.04 14.91
C VAL A 77 2.64 -7.03 14.02
N ASN A 78 1.74 -6.16 13.61
CA ASN A 78 1.89 -5.06 12.68
C ASN A 78 1.42 -5.67 11.40
N ARG A 79 0.14 -5.42 11.16
CA ARG A 79 -0.57 -5.89 9.99
C ARG A 79 -0.02 -5.19 8.75
N PRO A 80 -0.21 -5.80 7.57
CA PRO A 80 0.27 -5.21 6.31
C PRO A 80 -0.09 -3.73 6.20
N GLU A 81 -1.36 -3.43 6.43
CA GLU A 81 -1.86 -2.06 6.36
C GLU A 81 -1.05 -1.07 7.21
N VAL A 82 -0.62 -1.50 8.39
CA VAL A 82 0.14 -0.64 9.29
C VAL A 82 1.57 -0.46 8.79
N ILE A 83 2.17 -1.56 8.34
CA ILE A 83 3.53 -1.53 7.81
C ILE A 83 3.68 -0.58 6.61
N GLU A 84 2.72 -0.63 5.68
CA GLU A 84 2.81 0.22 4.51
C GLU A 84 2.37 1.64 4.83
N ALA A 85 1.41 1.77 5.74
CA ALA A 85 0.94 3.09 6.13
C ALA A 85 2.06 3.86 6.83
N CYS A 86 3.03 3.12 7.38
CA CYS A 86 4.15 3.74 8.08
C CYS A 86 5.35 4.04 7.19
N GLY A 87 5.75 3.09 6.35
CA GLY A 87 6.90 3.28 5.49
C GLY A 87 6.70 4.29 4.36
N ASP A 88 5.50 4.85 4.24
CA ASP A 88 5.19 5.84 3.20
C ASP A 88 4.79 7.18 3.86
N LYS A 89 5.71 8.14 3.84
CA LYS A 89 5.46 9.44 4.46
C LYS A 89 4.18 10.16 4.02
N TRP A 90 3.79 9.99 2.76
CA TRP A 90 2.57 10.62 2.27
C TRP A 90 1.36 9.86 2.82
N ALA A 91 1.50 8.54 2.94
CA ALA A 91 0.40 7.74 3.46
C ALA A 91 0.22 8.12 4.93
N THR A 92 1.32 8.20 5.66
CA THR A 92 1.25 8.56 7.07
C THR A 92 0.69 9.96 7.34
N SER A 93 1.13 10.99 6.61
CA SER A 93 0.60 12.35 6.81
C SER A 93 -0.90 12.44 6.50
N VAL A 94 -1.36 11.67 5.52
CA VAL A 94 -2.77 11.64 5.14
C VAL A 94 -3.60 11.05 6.31
N ALA A 95 -3.09 10.01 6.94
CA ALA A 95 -3.78 9.37 8.07
C ALA A 95 -3.84 10.34 9.28
N LEU A 96 -2.76 11.07 9.54
CA LEU A 96 -2.77 12.02 10.65
C LEU A 96 -3.76 13.13 10.39
N ALA A 97 -3.88 13.55 9.13
CA ALA A 97 -4.82 14.60 8.77
C ALA A 97 -6.26 14.14 8.96
N LYS A 98 -6.57 12.92 8.52
CA LYS A 98 -7.94 12.39 8.64
C LYS A 98 -8.32 12.22 10.11
N ALA A 99 -7.33 11.95 10.95
CA ALA A 99 -7.56 11.79 12.38
C ALA A 99 -7.53 13.13 13.12
N GLY A 100 -7.40 14.22 12.37
CA GLY A 100 -7.37 15.54 12.98
C GLY A 100 -6.22 15.77 13.96
N LEU A 101 -5.02 15.26 13.63
CA LEU A 101 -3.86 15.41 14.49
C LEU A 101 -2.93 16.52 13.99
N PRO A 102 -2.21 17.18 14.92
CA PRO A 102 -1.29 18.26 14.57
C PRO A 102 0.02 17.81 13.94
N GLN A 103 0.43 18.50 12.87
CA GLN A 103 1.68 18.20 12.18
C GLN A 103 2.13 19.40 11.36
N PRO A 104 3.37 19.38 10.85
CA PRO A 104 3.90 20.48 10.03
C PRO A 104 3.10 20.61 8.74
N LYS A 105 2.95 21.83 8.24
CA LYS A 105 2.24 22.07 6.98
C LYS A 105 2.95 21.17 5.96
N THR A 106 2.18 20.32 5.28
CA THR A 106 2.74 19.35 4.33
C THR A 106 2.02 19.31 2.99
N ALA A 107 2.77 18.98 1.93
CA ALA A 107 2.22 18.93 0.57
C ALA A 107 2.95 17.94 -0.34
N LEU A 108 2.30 17.55 -1.44
CA LEU A 108 2.90 16.61 -2.38
C LEU A 108 2.73 17.02 -3.86
N ALA A 109 3.79 16.88 -4.64
CA ALA A 109 3.75 17.24 -6.06
C ALA A 109 4.06 16.00 -6.89
N THR A 110 3.55 15.96 -8.12
CA THR A 110 3.78 14.80 -8.99
C THR A 110 4.67 15.06 -10.20
N ASP A 111 5.21 16.28 -10.29
CA ASP A 111 6.14 16.65 -11.36
C ASP A 111 7.05 17.75 -10.84
N ARG A 112 8.21 17.91 -11.47
CA ARG A 112 9.21 18.89 -11.08
C ARG A 112 8.72 20.34 -11.06
N GLU A 113 7.98 20.76 -12.07
CA GLU A 113 7.49 22.12 -12.14
C GLU A 113 6.56 22.50 -10.98
N GLU A 114 5.67 21.58 -10.61
CA GLU A 114 4.72 21.82 -9.53
C GLU A 114 5.42 21.88 -8.17
N ALA A 115 6.50 21.11 -8.03
CA ALA A 115 7.27 21.10 -6.79
C ALA A 115 7.81 22.51 -6.49
N LEU A 116 8.30 23.18 -7.54
CA LEU A 116 8.85 24.53 -7.42
C LEU A 116 7.81 25.57 -7.00
N ARG A 117 6.63 25.50 -7.61
CA ARG A 117 5.56 26.44 -7.27
C ARG A 117 5.25 26.37 -5.78
N LEU A 118 5.15 25.15 -5.27
CA LEU A 118 4.83 24.93 -3.87
C LEU A 118 5.92 25.45 -2.95
N MET A 119 7.17 25.08 -3.21
CA MET A 119 8.28 25.54 -2.38
C MET A 119 8.26 27.08 -2.34
N GLU A 120 7.97 27.69 -3.47
CA GLU A 120 7.91 29.13 -3.58
C GLU A 120 6.73 29.68 -2.77
N ALA A 121 5.58 29.02 -2.89
CA ALA A 121 4.39 29.45 -2.15
C ALA A 121 4.55 29.26 -0.64
N PHE A 122 5.33 28.26 -0.24
CA PHE A 122 5.57 27.98 1.18
C PHE A 122 6.50 29.05 1.74
N GLY A 123 7.47 29.46 0.94
CA GLY A 123 8.44 30.46 1.37
C GLY A 123 9.66 29.74 1.89
N TYR A 124 10.85 30.24 1.57
CA TYR A 124 12.07 29.59 2.03
C TYR A 124 12.45 30.03 3.43
N PRO A 125 13.15 29.17 4.18
CA PRO A 125 13.58 27.83 3.75
C PRO A 125 12.47 26.77 3.83
N VAL A 126 12.64 25.69 3.07
CA VAL A 126 11.67 24.59 3.06
C VAL A 126 12.41 23.26 3.11
N VAL A 127 11.68 22.19 3.43
CA VAL A 127 12.26 20.87 3.52
C VAL A 127 11.70 19.89 2.48
N LEU A 128 12.55 19.00 2.03
CA LEU A 128 12.17 17.99 1.04
C LEU A 128 12.64 16.62 1.56
N LYS A 129 11.75 15.65 1.55
CA LYS A 129 12.10 14.31 2.03
C LYS A 129 11.72 13.22 1.03
N PRO A 130 12.38 12.06 1.09
CA PRO A 130 12.01 11.00 0.15
C PRO A 130 10.69 10.42 0.67
N VAL A 131 9.78 10.08 -0.23
CA VAL A 131 8.50 9.50 0.18
C VAL A 131 8.75 8.16 0.90
N ILE A 132 9.67 7.36 0.36
CA ILE A 132 10.00 6.07 0.95
C ILE A 132 11.47 6.05 1.37
N GLY A 133 11.81 5.22 2.37
CA GLY A 133 13.18 5.14 2.83
C GLY A 133 13.76 6.48 3.21
N UNK A 139 15.05 15.45 4.56
CA UNK A 139 16.48 15.18 4.74
C UNK A 139 17.34 16.25 4.07
N UNK A 140 16.72 17.37 3.69
CA UNK A 140 17.44 18.45 3.04
C UNK A 140 16.67 19.77 3.11
N UNK A 141 17.34 20.82 3.58
CA UNK A 141 16.73 22.15 3.68
C UNK A 141 17.07 22.94 2.42
N UNK A 142 16.05 23.45 1.72
CA UNK A 142 16.27 24.23 0.51
C UNK A 142 16.36 25.72 0.85
N UNK A 143 17.49 26.33 0.51
CA UNK A 143 17.73 27.75 0.78
C UNK A 143 16.99 28.69 -0.17
N UNK A 144 17.16 28.49 -1.47
CA UNK A 144 16.51 29.34 -2.47
C UNK A 144 16.06 28.56 -3.71
N UNK A 145 15.52 29.29 -4.68
CA UNK A 145 15.04 28.70 -5.93
C UNK A 145 16.09 27.87 -6.65
N UNK A 146 17.33 28.34 -6.65
CA UNK A 146 18.42 27.64 -7.31
C UNK A 146 18.70 26.29 -6.69
N UNK A 147 18.69 26.25 -5.35
CA UNK A 147 18.91 25.01 -4.63
C UNK A 147 17.77 24.05 -4.90
N UNK A 148 16.56 24.59 -4.97
CA UNK A 148 15.37 23.78 -5.23
C UNK A 148 15.51 23.06 -6.57
N UNK A 149 15.71 23.84 -7.62
CA UNK A 149 15.86 23.29 -8.97
C UNK A 149 16.94 22.22 -9.01
N UNK A 150 18.05 22.50 -8.33
CA UNK A 150 19.18 21.58 -8.30
C UNK A 150 18.83 20.22 -7.69
N UNK A 151 18.18 20.23 -6.52
CA UNK A 151 17.80 18.99 -5.84
C UNK A 151 16.77 18.20 -6.66
N UNK A 152 15.76 18.88 -7.16
CA UNK A 152 14.70 18.24 -7.95
C UNK A 152 15.26 17.51 -9.17
N UNK A 153 16.35 18.02 -9.73
CA UNK A 153 16.95 17.40 -10.91
C UNK A 153 17.73 16.14 -10.54
N UNK A 154 18.61 16.25 -9.55
CA UNK A 154 19.41 15.12 -9.11
C UNK A 154 18.55 14.04 -8.46
N GLY A 160 8.03 2.03 -8.49
CA GLY A 160 6.70 1.46 -8.37
C GLY A 160 5.64 2.53 -8.20
N PHE A 161 5.03 2.56 -7.01
CA PHE A 161 4.00 3.55 -6.71
C PHE A 161 4.61 4.87 -6.24
N GLN A 162 5.94 4.90 -6.19
CA GLN A 162 6.66 6.10 -5.74
C GLN A 162 7.48 6.76 -6.86
N HIS A 163 6.94 6.73 -8.07
CA HIS A 163 7.60 7.31 -9.23
C HIS A 163 7.35 8.82 -9.35
N GLN A 164 8.42 9.60 -9.26
CA GLN A 164 8.34 11.06 -9.37
C GLN A 164 7.38 11.76 -8.39
N LEU A 165 7.57 11.52 -7.10
CA LEU A 165 6.74 12.16 -6.09
C LEU A 165 7.63 13.09 -5.24
N PHE A 166 7.15 14.29 -4.93
CA PHE A 166 7.94 15.23 -4.14
C PHE A 166 7.25 15.65 -2.84
N TYR A 167 7.80 15.17 -1.72
CA TYR A 167 7.26 15.45 -0.39
C TYR A 167 7.82 16.77 0.15
N ILE A 168 6.99 17.80 0.18
CA ILE A 168 7.39 19.13 0.64
C ILE A 168 6.80 19.49 2.00
N GLN A 169 7.66 19.98 2.90
CA GLN A 169 7.23 20.34 4.25
C GLN A 169 7.82 21.70 4.68
N GLU A 170 7.09 22.43 5.52
CA GLU A 170 7.55 23.73 6.02
C GLU A 170 8.73 23.53 6.97
N TYR A 171 9.56 24.54 7.11
CA TYR A 171 10.69 24.45 8.04
C TYR A 171 10.18 24.87 9.41
N VAL A 172 10.29 23.98 10.39
CA VAL A 172 9.80 24.24 11.74
C VAL A 172 10.86 24.74 12.72
N GLU A 173 10.52 25.80 13.46
CA GLU A 173 11.41 26.35 14.48
C GLU A 173 11.12 25.54 15.74
N LYS A 174 12.16 25.00 16.37
CA LYS A 174 11.96 24.16 17.55
C LYS A 174 12.63 24.60 18.87
N PRO A 175 11.85 25.20 19.79
CA PRO A 175 12.32 25.66 21.09
C PRO A 175 12.69 24.50 22.02
N GLY A 176 12.34 23.28 21.62
CA GLY A 176 12.65 22.10 22.41
C GLY A 176 13.27 20.99 21.57
N ARG A 177 13.72 19.93 22.22
CA ARG A 177 14.34 18.80 21.54
C ARG A 177 13.31 17.81 20.97
N ASP A 178 13.70 17.07 19.93
CA ASP A 178 12.82 16.07 19.33
C ASP A 178 12.61 14.92 20.32
N ILE A 179 11.37 14.44 20.39
CA ILE A 179 11.03 13.36 21.31
C ILE A 179 10.62 12.09 20.55
N ARG A 180 11.02 10.93 21.09
CA ARG A 180 10.65 9.65 20.50
C ARG A 180 9.90 8.82 21.54
N VAL A 181 8.65 8.47 21.23
CA VAL A 181 7.82 7.69 22.14
C VAL A 181 7.55 6.26 21.66
N PHE A 182 7.78 5.28 22.53
CA PHE A 182 7.54 3.89 22.19
C PHE A 182 6.14 3.50 22.61
N VAL A 183 5.30 3.21 21.61
CA VAL A 183 3.91 2.84 21.85
C VAL A 183 3.66 1.35 21.64
N VAL A 184 2.94 0.74 22.58
CA VAL A 184 2.59 -0.68 22.50
C VAL A 184 1.08 -0.76 22.74
N GLY A 185 0.34 -1.07 21.68
CA GLY A 185 -1.10 -1.14 21.81
C GLY A 185 -1.66 0.22 22.20
N GLU A 186 -2.36 0.27 23.32
CA GLU A 186 -2.97 1.50 23.80
C GLU A 186 -2.15 2.22 24.86
N ARG A 187 -0.89 1.85 24.99
CA ARG A 187 -0.03 2.46 26.00
C ARG A 187 1.29 3.01 25.49
N ALA A 188 1.66 4.17 26.00
CA ALA A 188 2.94 4.78 25.69
C ALA A 188 3.77 4.25 26.87
N ILE A 189 4.84 3.51 26.60
CA ILE A 189 5.63 2.93 27.69
C ILE A 189 7.00 3.54 27.98
N ALA A 190 7.46 4.46 27.15
CA ALA A 190 8.75 5.08 27.38
C ALA A 190 9.01 6.14 26.32
N ALA A 191 9.89 7.09 26.63
CA ALA A 191 10.22 8.17 25.69
C ALA A 191 11.62 8.67 25.94
N ILE A 192 12.20 9.31 24.94
CA ILE A 192 13.56 9.84 25.06
C ILE A 192 13.77 11.10 24.22
N TYR A 193 14.85 11.81 24.50
CA TYR A 193 15.20 13.01 23.74
C TYR A 193 16.26 12.55 22.75
N ARG A 194 15.99 12.71 21.46
CA ARG A 194 16.93 12.30 20.43
C ARG A 194 18.09 13.28 20.30
N ALA A 209 21.83 10.79 24.69
CA ALA A 209 20.40 11.00 24.77
C ALA A 209 19.89 10.85 26.20
N GLU A 210 18.94 11.68 26.59
CA GLU A 210 18.36 11.63 27.93
C GLU A 210 16.98 10.97 27.91
N ASN A 211 16.52 10.60 29.10
CA ASN A 211 15.22 9.99 29.25
C ASN A 211 14.19 11.10 29.40
N CYS A 212 13.12 11.03 28.61
CA CYS A 212 12.07 12.03 28.68
C CYS A 212 10.90 11.49 29.49
N PRO A 213 10.83 11.84 30.78
CA PRO A 213 9.74 11.35 31.63
C PRO A 213 8.39 11.69 30.97
N LEU A 214 7.67 10.67 30.56
CA LEU A 214 6.38 10.85 29.90
C LEU A 214 5.39 11.71 30.65
N THR A 215 4.75 12.61 29.93
CA THR A 215 3.73 13.48 30.51
C THR A 215 2.41 13.07 29.85
N GLU A 216 1.30 13.31 30.54
CA GLU A 216 0.01 12.94 30.01
C GLU A 216 -0.24 13.50 28.59
N GLU A 217 0.29 14.68 28.33
CA GLU A 217 0.14 15.32 27.02
C GLU A 217 0.85 14.54 25.92
N VAL A 218 2.12 14.23 26.15
CA VAL A 218 2.92 13.48 25.18
C VAL A 218 2.36 12.08 24.97
N ALA A 219 2.04 11.39 26.07
CA ALA A 219 1.51 10.04 26.01
C ALA A 219 0.21 9.98 25.21
N ARG A 220 -0.66 10.96 25.44
CA ARG A 220 -1.94 11.04 24.77
C ARG A 220 -1.81 11.20 23.24
N LEU A 221 -0.98 12.16 22.83
CA LEU A 221 -0.79 12.43 21.40
C LEU A 221 -0.18 11.20 20.72
N SER A 222 0.79 10.57 21.37
CA SER A 222 1.47 9.40 20.82
C SER A 222 0.54 8.22 20.56
N VAL A 223 -0.33 7.90 21.51
CA VAL A 223 -1.26 6.80 21.32
C VAL A 223 -2.22 7.11 20.17
N LYS A 224 -2.70 8.35 20.07
CA LYS A 224 -3.62 8.71 18.99
C LYS A 224 -2.97 8.60 17.62
N ALA A 225 -1.69 8.94 17.53
CA ALA A 225 -0.97 8.85 16.27
C ALA A 225 -0.82 7.36 15.89
N ALA A 226 -0.55 6.52 16.89
CA ALA A 226 -0.41 5.08 16.67
C ALA A 226 -1.73 4.53 16.15
N GLU A 227 -2.84 5.02 16.72
CA GLU A 227 -4.16 4.57 16.32
C GLU A 227 -4.53 5.07 14.92
N ALA A 228 -4.12 6.30 14.60
CA ALA A 228 -4.40 6.90 13.30
C ALA A 228 -3.89 6.07 12.10
N VAL A 229 -2.81 5.31 12.27
CA VAL A 229 -2.27 4.48 11.19
C VAL A 229 -2.73 3.02 11.30
N GLY A 230 -3.57 2.70 12.29
CA GLY A 230 -4.03 1.33 12.41
C GLY A 230 -3.73 0.56 13.69
N GLY A 231 -2.96 1.14 14.61
CA GLY A 231 -2.64 0.46 15.87
C GLY A 231 -1.47 -0.50 15.78
N GLY A 232 -1.04 -1.02 16.92
CA GLY A 232 0.06 -1.96 16.93
C GLY A 232 1.25 -1.49 17.76
N VAL A 233 2.45 -1.84 17.29
CA VAL A 233 3.69 -1.47 17.97
C VAL A 233 4.51 -0.50 17.10
N VAL A 234 4.51 0.77 17.47
CA VAL A 234 5.23 1.81 16.72
C VAL A 234 5.98 2.83 17.59
N ALA A 235 6.90 3.56 16.95
CA ALA A 235 7.67 4.62 17.61
C ALA A 235 7.26 5.92 16.94
N VAL A 236 6.72 6.85 17.74
CA VAL A 236 6.26 8.15 17.24
C VAL A 236 7.30 9.24 17.54
N ASP A 237 7.78 9.92 16.49
CA ASP A 237 8.75 11.00 16.66
C ASP A 237 8.01 12.34 16.64
N LEU A 238 8.26 13.18 17.64
CA LEU A 238 7.58 14.48 17.73
C LEU A 238 8.51 15.68 17.76
N PHE A 239 7.96 16.83 17.38
CA PHE A 239 8.70 18.10 17.38
C PHE A 239 8.09 18.97 18.47
N GLU A 240 8.92 19.64 19.25
CA GLU A 240 8.43 20.57 20.26
C GLU A 240 8.58 21.95 19.60
N SER A 241 7.57 22.33 18.82
CA SER A 241 7.61 23.59 18.07
C SER A 241 7.03 24.80 18.80
N GLU A 242 7.07 25.95 18.14
CA GLU A 242 6.54 27.18 18.71
C GLU A 242 5.02 27.17 18.68
N ARG A 243 4.45 26.19 17.97
CA ARG A 243 3.00 26.04 17.90
C ARG A 243 2.57 24.94 18.85
N GLY A 244 3.55 24.30 19.47
CA GLY A 244 3.27 23.21 20.38
C GLY A 244 3.80 21.90 19.85
N LEU A 245 3.23 20.79 20.32
CA LEU A 245 3.66 19.47 19.86
C LEU A 245 3.13 19.16 18.46
N LEU A 246 3.99 18.63 17.61
CA LEU A 246 3.60 18.28 16.25
C LEU A 246 4.13 16.88 15.93
N VAL A 247 3.33 16.06 15.25
CA VAL A 247 3.77 14.71 14.89
C VAL A 247 4.63 14.77 13.61
N ASN A 248 5.78 14.10 13.65
CA ASN A 248 6.69 14.09 12.50
C ASN A 248 6.71 12.78 11.71
N GLU A 249 6.95 11.66 12.38
CA GLU A 249 6.99 10.35 11.72
C GLU A 249 6.44 9.25 12.65
N VAL A 250 6.04 8.12 12.05
CA VAL A 250 5.54 6.97 12.80
C VAL A 250 6.22 5.71 12.19
N ASN A 251 7.08 5.06 12.96
CA ASN A 251 7.82 3.89 12.49
C ASN A 251 7.17 2.54 12.82
N HIS A 252 7.10 1.64 11.83
CA HIS A 252 6.48 0.33 12.01
C HIS A 252 7.36 -0.79 12.59
N THR A 253 8.67 -0.58 12.66
CA THR A 253 9.55 -1.61 13.23
C THR A 253 10.64 -0.95 14.08
N MET A 254 10.21 -0.35 15.19
CA MET A 254 11.06 0.38 16.12
C MET A 254 12.34 -0.28 16.62
N GLU A 255 13.41 0.50 16.66
CA GLU A 255 14.72 0.05 17.14
C GLU A 255 14.84 0.51 18.59
N PHE A 256 15.50 -0.25 19.44
CA PHE A 256 15.55 0.10 20.86
C PHE A 256 16.74 -0.35 21.70
N LYS A 257 17.78 -0.89 21.09
CA LYS A 257 18.92 -1.35 21.88
C LYS A 257 19.45 -0.37 22.92
N ASN A 258 19.61 0.90 22.54
CA ASN A 258 20.13 1.92 23.47
C ASN A 258 19.07 2.46 24.43
N SER A 259 17.83 2.50 23.96
CA SER A 259 16.72 3.03 24.74
C SER A 259 16.39 2.27 26.02
N VAL A 260 16.71 0.98 26.06
CA VAL A 260 16.43 0.17 27.24
C VAL A 260 17.19 0.71 28.45
N HIS A 261 18.47 1.02 28.28
CA HIS A 261 19.25 1.55 29.38
C HIS A 261 18.90 3.00 29.66
N THR A 262 18.76 3.78 28.60
CA THR A 262 18.42 5.19 28.73
C THR A 262 17.16 5.41 29.55
N THR A 263 16.11 4.63 29.26
CA THR A 263 14.85 4.77 29.96
C THR A 263 14.67 3.81 31.13
N GLY A 264 15.37 2.68 31.10
CA GLY A 264 15.22 1.70 32.16
C GLY A 264 13.93 0.91 32.05
N VAL A 265 13.31 0.89 30.88
CA VAL A 265 12.07 0.14 30.68
C VAL A 265 12.32 -1.12 29.83
N ASP A 266 11.61 -2.20 30.14
CA ASP A 266 11.78 -3.47 29.41
C ASP A 266 10.97 -3.46 28.13
N ILE A 267 11.43 -2.68 27.16
CA ILE A 267 10.77 -2.54 25.86
C ILE A 267 10.49 -3.87 25.14
N PRO A 268 11.50 -4.76 25.01
CA PRO A 268 11.32 -6.05 24.34
C PRO A 268 10.25 -6.92 24.99
N GLY A 269 10.29 -7.02 26.31
CA GLY A 269 9.30 -7.83 27.03
C GLY A 269 7.88 -7.33 26.83
N GLU A 270 7.71 -6.03 26.76
CA GLU A 270 6.37 -5.46 26.55
C GLU A 270 5.87 -5.82 25.16
N ILE A 271 6.79 -5.85 24.19
CA ILE A 271 6.45 -6.15 22.80
C ILE A 271 6.02 -7.61 22.65
N LEU A 272 6.79 -8.50 23.26
CA LEU A 272 6.49 -9.93 23.19
C LEU A 272 5.13 -10.27 23.84
N LYS A 273 4.85 -9.66 24.98
CA LYS A 273 3.59 -9.91 25.69
C LYS A 273 2.40 -9.41 24.90
N TYR A 274 2.51 -8.20 24.35
CA TYR A 274 1.43 -7.65 23.55
C TYR A 274 1.09 -8.60 22.40
N ALA A 275 2.12 -9.05 21.69
CA ALA A 275 1.94 -9.95 20.56
C ALA A 275 1.30 -11.27 21.00
N TRP A 276 1.85 -11.86 22.05
CA TRP A 276 1.36 -13.13 22.56
C TRP A 276 -0.13 -13.06 22.95
N SER A 277 -0.58 -11.91 23.41
CA SER A 277 -1.97 -11.74 23.82
C SER A 277 -2.94 -11.74 22.65
N LEU A 278 -2.42 -11.66 21.43
CA LEU A 278 -3.26 -11.68 20.23
C LEU A 278 -3.30 -13.07 19.60
N ALA A 279 -2.61 -14.02 20.23
CA ALA A 279 -2.55 -15.40 19.75
C ALA A 279 -3.89 -15.92 19.21
N SER A 280 -3.84 -16.60 18.08
CA SER A 280 -5.03 -17.15 17.43
C SER A 280 -4.68 -18.39 16.63
N MET B 1 -20.61 18.66 -7.64
CA MET B 1 -20.41 18.19 -9.04
C MET B 1 -19.28 17.17 -9.13
N LEU B 2 -19.28 16.39 -10.20
CA LEU B 2 -18.26 15.36 -10.42
C LEU B 2 -16.95 15.94 -10.92
N ALA B 3 -15.84 15.32 -10.54
CA ALA B 3 -14.52 15.77 -10.97
C ALA B 3 -13.78 14.58 -11.60
N ILE B 4 -13.33 14.75 -12.84
CA ILE B 4 -12.59 13.70 -13.52
C ILE B 4 -11.09 14.02 -13.49
N LEU B 5 -10.35 13.32 -12.64
CA LEU B 5 -8.91 13.55 -12.51
C LEU B 5 -8.16 12.84 -13.63
N TYR B 6 -7.27 13.56 -14.31
CA TYR B 6 -6.49 12.97 -15.41
C TYR B 6 -5.13 13.63 -15.60
N ASP B 7 -4.29 12.98 -16.41
CA ASP B 7 -2.97 13.53 -16.74
C ASP B 7 -2.82 13.57 -18.27
N ARG B 8 -2.91 12.40 -18.92
CA ARG B 8 -2.83 12.30 -20.38
C ARG B 8 -4.21 11.91 -20.91
N ILE B 9 -4.71 12.62 -21.92
CA ILE B 9 -6.03 12.30 -22.47
C ILE B 9 -6.00 11.20 -23.55
N ARG B 10 -6.59 10.04 -23.22
CA ARG B 10 -6.69 8.90 -24.13
C ARG B 10 -8.13 8.81 -24.61
N PRO B 11 -8.39 8.03 -25.67
CA PRO B 11 -9.75 7.91 -26.20
C PRO B 11 -10.75 7.57 -25.08
N ASP B 12 -10.31 6.78 -24.11
CA ASP B 12 -11.15 6.39 -22.99
C ASP B 12 -11.65 7.63 -22.22
N GLU B 13 -10.73 8.55 -21.94
CA GLU B 13 -11.09 9.77 -21.22
C GLU B 13 -11.97 10.65 -22.09
N ARG B 14 -11.65 10.68 -23.39
CA ARG B 14 -12.41 11.47 -24.35
C ARG B 14 -13.87 11.01 -24.30
N MET B 15 -14.06 9.70 -24.35
CA MET B 15 -15.39 9.12 -24.32
C MET B 15 -16.12 9.43 -23.00
N LEU B 16 -15.37 9.49 -21.90
CA LEU B 16 -15.98 9.80 -20.60
C LEU B 16 -16.55 11.23 -20.62
N PHE B 17 -15.76 12.17 -21.13
CA PHE B 17 -16.20 13.57 -21.22
C PHE B 17 -17.49 13.68 -22.03
N GLU B 18 -17.49 13.08 -23.21
CA GLU B 18 -18.65 13.08 -24.11
C GLU B 18 -19.91 12.50 -23.50
N ARG B 19 -19.79 11.39 -22.79
CA ARG B 19 -20.96 10.78 -22.17
C ARG B 19 -21.52 11.62 -21.01
N ALA B 20 -20.64 12.27 -20.26
CA ALA B 20 -21.09 13.10 -19.15
C ALA B 20 -21.89 14.28 -19.69
N GLU B 21 -21.44 14.81 -20.82
CA GLU B 21 -22.11 15.95 -21.47
C GLU B 21 -23.48 15.56 -21.97
N ALA B 22 -23.59 14.36 -22.55
CA ALA B 22 -24.85 13.88 -23.08
C ALA B 22 -25.81 13.51 -21.95
N LEU B 23 -25.27 12.97 -20.86
CA LEU B 23 -26.09 12.57 -19.72
C LEU B 23 -26.58 13.77 -18.90
N GLY B 24 -25.98 14.93 -19.10
CA GLY B 24 -26.40 16.09 -18.34
C GLY B 24 -25.97 15.93 -16.89
N LEU B 25 -24.75 15.43 -16.71
CA LEU B 25 -24.16 15.19 -15.40
C LEU B 25 -23.11 16.27 -15.14
N PRO B 26 -23.34 17.15 -14.15
CA PRO B 26 -22.42 18.24 -13.81
C PRO B 26 -21.02 17.74 -13.43
N TYR B 27 -20.00 18.25 -14.12
CA TYR B 27 -18.64 17.84 -13.84
C TYR B 27 -17.63 18.89 -14.31
N LYS B 28 -16.35 18.62 -14.08
CA LYS B 28 -15.28 19.50 -14.51
C LYS B 28 -14.00 18.68 -14.64
N LYS B 29 -13.14 19.05 -15.58
CA LYS B 29 -11.88 18.36 -15.80
C LYS B 29 -10.83 18.90 -14.85
N VAL B 30 -10.02 18.01 -14.27
CA VAL B 30 -8.96 18.42 -13.36
C VAL B 30 -7.60 17.84 -13.71
N TYR B 31 -6.71 18.69 -14.18
CA TYR B 31 -5.36 18.30 -14.60
C TYR B 31 -4.44 18.11 -13.38
N VAL B 32 -4.27 16.86 -12.97
CA VAL B 32 -3.48 16.54 -11.78
C VAL B 32 -2.04 17.05 -11.69
N PRO B 33 -1.23 16.88 -12.75
CA PRO B 33 0.16 17.36 -12.67
C PRO B 33 0.33 18.80 -12.12
N ALA B 34 -0.67 19.64 -12.33
CA ALA B 34 -0.62 21.02 -11.87
C ALA B 34 -1.49 21.34 -10.64
N LEU B 35 -2.05 20.31 -10.00
CA LEU B 35 -2.91 20.50 -8.84
C LEU B 35 -2.11 20.62 -7.53
N PRO B 36 -2.25 21.74 -6.81
CA PRO B 36 -1.52 21.92 -5.55
C PRO B 36 -2.19 21.07 -4.45
N MET B 37 -1.50 20.07 -3.95
CA MET B 37 -2.05 19.20 -2.91
C MET B 37 -1.43 19.48 -1.54
N VAL B 38 -1.99 20.47 -0.85
CA VAL B 38 -1.51 20.86 0.48
C VAL B 38 -2.50 20.40 1.54
N LEU B 39 -2.06 19.52 2.43
CA LEU B 39 -2.96 19.04 3.48
C LEU B 39 -3.50 20.21 4.30
N GLY B 40 -4.79 20.22 4.55
CA GLY B 40 -5.36 21.30 5.32
C GLY B 40 -5.97 22.44 4.53
N GLU B 41 -5.75 22.49 3.22
CA GLU B 41 -6.35 23.57 2.43
C GLU B 41 -6.78 23.15 1.03
N ARG B 42 -8.10 23.11 0.83
CA ARG B 42 -8.68 22.73 -0.44
C ARG B 42 -8.35 23.69 -1.60
N PRO B 43 -7.81 23.14 -2.70
CA PRO B 43 -7.42 23.87 -3.91
C PRO B 43 -8.61 24.52 -4.62
N LYS B 44 -8.35 25.58 -5.36
CA LYS B 44 -9.40 26.30 -6.11
C LYS B 44 -10.08 25.38 -7.12
N GLU B 45 -9.29 24.56 -7.80
CA GLU B 45 -9.80 23.65 -8.82
C GLU B 45 -10.81 22.62 -8.28
N LEU B 46 -10.79 22.38 -6.97
CA LEU B 46 -11.70 21.41 -6.38
C LEU B 46 -12.93 22.06 -5.77
N GLU B 47 -13.04 23.37 -5.90
CA GLU B 47 -14.20 24.06 -5.34
C GLU B 47 -15.47 23.49 -5.96
N GLY B 48 -16.40 23.05 -5.12
CA GLY B 48 -17.65 22.52 -5.62
C GLY B 48 -17.66 21.06 -6.03
N VAL B 49 -16.59 20.33 -5.73
CA VAL B 49 -16.51 18.92 -6.08
C VAL B 49 -17.05 18.04 -4.93
N THR B 50 -18.03 17.19 -5.27
CA THR B 50 -18.65 16.30 -4.30
C THR B 50 -18.27 14.82 -4.50
N VAL B 51 -17.61 14.50 -5.62
CA VAL B 51 -17.18 13.14 -5.89
C VAL B 51 -16.17 13.14 -7.05
N ALA B 52 -15.22 12.21 -7.04
CA ALA B 52 -14.20 12.18 -8.07
C ALA B 52 -13.96 10.82 -8.74
N LEU B 53 -13.58 10.87 -10.02
CA LEU B 53 -13.26 9.67 -10.79
C LEU B 53 -11.78 9.78 -11.12
N GLU B 54 -10.99 8.87 -10.55
CA GLU B 54 -9.55 8.87 -10.71
C GLU B 54 -9.09 8.18 -12.01
N ARG B 55 -8.75 8.99 -13.00
CA ARG B 55 -8.34 8.49 -14.32
C ARG B 55 -6.92 8.79 -14.82
N CYS B 56 -5.93 8.81 -13.94
CA CYS B 56 -4.56 9.11 -14.40
C CYS B 56 -3.88 7.89 -14.99
N VAL B 57 -3.05 8.11 -16.02
CA VAL B 57 -2.34 7.00 -16.64
C VAL B 57 -1.24 6.53 -15.69
N SER B 58 -0.62 7.45 -14.96
CA SER B 58 0.43 7.09 -14.02
C SER B 58 -0.16 6.52 -12.71
N GLN B 59 0.27 5.34 -12.30
CA GLN B 59 -0.24 4.72 -11.08
C GLN B 59 0.19 5.49 -9.83
N SER B 60 1.47 5.75 -9.71
CA SER B 60 1.96 6.46 -8.55
C SER B 60 1.23 7.81 -8.42
N ARG B 61 1.02 8.50 -9.55
CA ARG B 61 0.33 9.80 -9.49
C ARG B 61 -1.14 9.62 -9.07
N GLY B 62 -1.84 8.70 -9.73
CA GLY B 62 -3.23 8.45 -9.41
C GLY B 62 -3.48 8.04 -7.96
N LEU B 63 -2.59 7.25 -7.39
CA LEU B 63 -2.74 6.80 -6.01
C LEU B 63 -2.49 7.96 -5.02
N ALA B 64 -1.50 8.79 -5.32
CA ALA B 64 -1.18 9.94 -4.48
C ALA B 64 -2.36 10.91 -4.43
N ALA B 65 -3.01 11.12 -5.58
CA ALA B 65 -4.17 12.02 -5.65
C ALA B 65 -5.41 11.44 -4.95
N ALA B 66 -5.62 10.13 -5.08
CA ALA B 66 -6.77 9.49 -4.45
C ALA B 66 -6.63 9.62 -2.92
N ARG B 67 -5.40 9.52 -2.42
CA ARG B 67 -5.17 9.65 -0.97
C ARG B 67 -5.50 11.07 -0.54
N TYR B 68 -5.03 12.05 -1.30
CA TYR B 68 -5.30 13.45 -0.99
C TYR B 68 -6.80 13.69 -0.89
N LEU B 69 -7.56 13.18 -1.86
CA LEU B 69 -9.01 13.35 -1.85
C LEU B 69 -9.64 12.75 -0.58
N THR B 70 -9.14 11.63 -0.08
CA THR B 70 -9.72 11.07 1.15
C THR B 70 -9.45 12.01 2.33
N ALA B 71 -8.32 12.73 2.30
CA ALA B 71 -8.00 13.66 3.38
C ALA B 71 -8.92 14.88 3.33
N LEU B 72 -9.38 15.25 2.14
CA LEU B 72 -10.28 16.39 2.02
C LEU B 72 -11.72 15.94 2.27
N GLY B 73 -11.90 14.65 2.54
CA GLY B 73 -13.23 14.13 2.79
C GLY B 73 -14.09 14.03 1.55
N ILE B 74 -13.47 13.91 0.38
CA ILE B 74 -14.22 13.79 -0.88
C ILE B 74 -14.15 12.34 -1.36
N PRO B 75 -15.32 11.70 -1.54
CA PRO B 75 -15.30 10.30 -2.01
C PRO B 75 -14.67 10.19 -3.38
N VAL B 76 -13.82 9.18 -3.57
CA VAL B 76 -13.15 8.99 -4.84
C VAL B 76 -13.42 7.57 -5.41
N VAL B 77 -13.84 7.48 -6.67
CA VAL B 77 -14.13 6.17 -7.21
C VAL B 77 -12.88 5.40 -7.54
N ASN B 78 -12.70 4.44 -6.64
CA ASN B 78 -11.61 3.52 -6.53
C ASN B 78 -10.78 4.22 -5.47
N ARG B 79 -11.00 3.71 -4.26
CA ARG B 79 -10.36 4.20 -3.06
C ARG B 79 -8.89 3.82 -3.13
N PRO B 80 -8.06 4.50 -2.34
CA PRO B 80 -6.63 4.20 -2.32
C PRO B 80 -6.35 2.72 -2.14
N GLU B 81 -7.05 2.11 -1.18
CA GLU B 81 -6.87 0.69 -0.88
C GLU B 81 -7.07 -0.20 -2.10
N VAL B 82 -8.10 0.11 -2.90
CA VAL B 82 -8.40 -0.67 -4.11
C VAL B 82 -7.33 -0.46 -5.16
N ILE B 83 -6.91 0.78 -5.36
CA ILE B 83 -5.89 1.08 -6.35
C ILE B 83 -4.58 0.34 -6.06
N GLU B 84 -4.12 0.35 -4.81
CA GLU B 84 -2.87 -0.34 -4.51
C GLU B 84 -3.05 -1.84 -4.44
N ALA B 85 -4.23 -2.29 -4.01
CA ALA B 85 -4.50 -3.72 -3.92
C ALA B 85 -4.53 -4.32 -5.33
N CYS B 86 -4.76 -3.47 -6.33
CA CYS B 86 -4.82 -3.93 -7.72
C CYS B 86 -3.49 -3.88 -8.45
N GLY B 87 -2.77 -2.76 -8.32
CA GLY B 87 -1.50 -2.60 -9.00
C GLY B 87 -0.34 -3.41 -8.46
N ASP B 88 -0.61 -4.23 -7.44
CA ASP B 88 0.41 -5.09 -6.83
C ASP B 88 -0.08 -6.54 -6.92
N LYS B 89 0.56 -7.32 -7.81
CA LYS B 89 0.16 -8.71 -8.04
C LYS B 89 0.18 -9.62 -6.82
N TRP B 90 1.11 -9.39 -5.89
CA TRP B 90 1.18 -10.19 -4.69
C TRP B 90 0.02 -9.78 -3.78
N ALA B 91 -0.26 -8.48 -3.76
CA ALA B 91 -1.34 -7.97 -2.94
C ALA B 91 -2.66 -8.54 -3.45
N THR B 92 -2.86 -8.49 -4.76
CA THR B 92 -4.10 -9.02 -5.36
C THR B 92 -4.26 -10.53 -5.14
N SER B 93 -3.20 -11.32 -5.33
CA SER B 93 -3.32 -12.78 -5.12
C SER B 93 -3.65 -13.13 -3.66
N VAL B 94 -3.08 -12.38 -2.72
CA VAL B 94 -3.32 -12.60 -1.29
C VAL B 94 -4.80 -12.36 -0.99
N ALA B 95 -5.36 -11.30 -1.56
CA ALA B 95 -6.77 -10.94 -1.37
C ALA B 95 -7.71 -12.01 -1.94
N LEU B 96 -7.35 -12.60 -3.08
CA LEU B 96 -8.19 -13.64 -3.68
C LEU B 96 -8.13 -14.91 -2.81
N ALA B 97 -6.97 -15.18 -2.23
CA ALA B 97 -6.80 -16.36 -1.38
C ALA B 97 -7.66 -16.23 -0.13
N LYS B 98 -7.61 -15.06 0.50
CA LYS B 98 -8.40 -14.83 1.72
C LYS B 98 -9.88 -14.94 1.44
N ALA B 99 -10.29 -14.58 0.22
CA ALA B 99 -11.70 -14.66 -0.14
C ALA B 99 -12.07 -16.05 -0.68
N GLY B 100 -11.12 -16.98 -0.61
CA GLY B 100 -11.37 -18.33 -1.09
C GLY B 100 -11.78 -18.44 -2.55
N LEU B 101 -11.08 -17.71 -3.43
CA LEU B 101 -11.38 -17.73 -4.85
C LEU B 101 -10.32 -18.53 -5.61
N PRO B 102 -10.71 -19.18 -6.72
CA PRO B 102 -9.80 -19.99 -7.53
C PRO B 102 -8.81 -19.19 -8.38
N GLN B 103 -7.56 -19.63 -8.37
CA GLN B 103 -6.50 -18.99 -9.14
C GLN B 103 -5.33 -19.97 -9.34
N PRO B 104 -4.40 -19.64 -10.24
CA PRO B 104 -3.25 -20.50 -10.50
C PRO B 104 -2.39 -20.62 -9.23
N LYS B 105 -1.74 -21.76 -9.06
CA LYS B 105 -0.87 -21.97 -7.91
C LYS B 105 0.17 -20.83 -7.96
N THR B 106 0.25 -20.04 -6.90
CA THR B 106 1.16 -18.89 -6.85
C THR B 106 2.08 -18.82 -5.63
N ALA B 107 3.28 -18.27 -5.80
CA ALA B 107 4.25 -18.16 -4.71
C ALA B 107 5.15 -16.91 -4.84
N LEU B 108 5.80 -16.52 -3.75
CA LEU B 108 6.68 -15.35 -3.77
C LEU B 108 8.00 -15.59 -3.02
N ALA B 109 9.10 -15.16 -3.62
CA ALA B 109 10.43 -15.32 -3.02
C ALA B 109 11.04 -13.94 -2.77
N THR B 110 11.92 -13.86 -1.77
CA THR B 110 12.55 -12.58 -1.46
C THR B 110 14.04 -12.50 -1.75
N ASP B 111 14.58 -13.53 -2.39
CA ASP B 111 15.98 -13.56 -2.79
C ASP B 111 16.10 -14.52 -3.98
N ARG B 112 17.18 -14.35 -4.73
CA ARG B 112 17.44 -15.15 -5.93
C ARG B 112 17.51 -16.66 -5.71
N GLU B 113 18.20 -17.08 -4.64
CA GLU B 113 18.32 -18.51 -4.37
C GLU B 113 16.98 -19.19 -4.09
N GLU B 114 16.11 -18.53 -3.34
CA GLU B 114 14.81 -19.09 -3.00
C GLU B 114 13.90 -19.17 -4.21
N ALA B 115 14.07 -18.24 -5.13
CA ALA B 115 13.27 -18.22 -6.35
C ALA B 115 13.50 -19.52 -7.13
N LEU B 116 14.75 -19.94 -7.22
CA LEU B 116 15.14 -21.16 -7.93
C LEU B 116 14.55 -22.41 -7.31
N ARG B 117 14.61 -22.51 -5.99
CA ARG B 117 14.09 -23.68 -5.30
C ARG B 117 12.62 -23.88 -5.64
N LEU B 118 11.87 -22.77 -5.62
CA LEU B 118 10.45 -22.80 -5.91
C LEU B 118 10.17 -23.20 -7.35
N MET B 119 10.86 -22.58 -8.30
CA MET B 119 10.67 -22.91 -9.70
C MET B 119 10.90 -24.41 -9.90
N GLU B 120 11.93 -24.92 -9.23
CA GLU B 120 12.28 -26.33 -9.31
C GLU B 120 11.19 -27.20 -8.67
N ALA B 121 10.67 -26.76 -7.53
CA ALA B 121 9.62 -27.51 -6.82
C ALA B 121 8.30 -27.49 -7.58
N PHE B 122 8.07 -26.43 -8.34
CA PHE B 122 6.85 -26.28 -9.13
C PHE B 122 6.91 -27.21 -10.33
N GLY B 123 8.10 -27.32 -10.93
CA GLY B 123 8.27 -28.16 -12.11
C GLY B 123 8.17 -27.28 -13.33
N TYR B 124 9.05 -27.51 -14.32
CA TYR B 124 9.01 -26.69 -15.53
C TYR B 124 8.00 -27.21 -16.54
N PRO B 125 7.45 -26.30 -17.37
CA PRO B 125 7.72 -24.86 -17.40
C PRO B 125 6.99 -24.05 -16.32
N VAL B 126 7.53 -22.89 -15.99
CA VAL B 126 6.93 -22.02 -14.98
C VAL B 126 6.89 -20.58 -15.49
N VAL B 127 6.11 -19.74 -14.81
CA VAL B 127 5.98 -18.33 -15.19
C VAL B 127 6.48 -17.36 -14.13
N LEU B 128 7.06 -16.26 -14.59
CA LEU B 128 7.60 -15.24 -13.70
C LEU B 128 7.06 -13.89 -14.18
N LYS B 129 6.50 -13.11 -13.25
CA LYS B 129 5.93 -11.81 -13.59
C LYS B 129 6.46 -10.72 -12.65
N PRO B 130 6.45 -9.46 -13.11
CA PRO B 130 6.92 -8.38 -12.24
C PRO B 130 5.82 -8.13 -11.21
N VAL B 131 6.19 -7.87 -9.96
CA VAL B 131 5.20 -7.62 -8.92
C VAL B 131 4.37 -6.39 -9.27
N ILE B 132 5.05 -5.33 -9.74
CA ILE B 132 4.38 -4.09 -10.13
C ILE B 132 4.52 -3.84 -11.64
N UNK B 141 5.75 -12.08 -17.47
CA UNK B 141 6.13 -11.55 -18.77
C UNK B 141 7.21 -12.42 -19.41
N UNK B 142 7.42 -13.61 -18.87
CA UNK B 142 8.43 -14.53 -19.40
C UNK B 142 8.21 -15.97 -18.93
N UNK B 143 8.16 -16.90 -19.87
CA UNK B 143 7.97 -18.32 -19.55
C UNK B 143 9.35 -18.96 -19.46
N UNK B 144 9.64 -19.65 -18.36
CA UNK B 144 10.93 -20.31 -18.18
C UNK B 144 10.83 -21.77 -18.61
N UNK B 145 11.65 -22.16 -19.58
CA UNK B 145 11.63 -23.53 -20.10
C UNK B 145 12.32 -24.55 -19.18
N UNK B 146 13.55 -24.28 -18.79
CA UNK B 146 14.29 -25.19 -17.93
C UNK B 146 15.18 -24.46 -16.92
N UNK B 147 15.94 -25.23 -16.15
CA UNK B 147 16.83 -24.66 -15.14
C UNK B 147 17.80 -23.62 -15.69
N UNK B 148 18.39 -23.90 -16.85
CA UNK B 148 19.34 -22.98 -17.48
C UNK B 148 18.70 -21.62 -17.78
N UNK B 149 17.47 -21.65 -18.29
CA UNK B 149 16.76 -20.41 -18.62
C UNK B 149 16.46 -19.64 -17.34
N UNK B 150 16.11 -20.38 -16.29
CA UNK B 150 15.81 -19.81 -15.00
C UNK B 150 17.02 -19.02 -14.50
N UNK B 151 18.15 -19.70 -14.37
CA UNK B 151 19.38 -19.09 -13.90
C UNK B 151 19.69 -17.82 -14.71
N UNK B 152 19.56 -17.94 -16.02
CA UNK B 152 19.83 -16.84 -16.94
C UNK B 152 19.00 -15.59 -16.64
N UNK B 153 17.69 -15.76 -16.53
CA UNK B 153 16.79 -14.63 -16.25
C UNK B 153 17.06 -13.98 -14.89
N UNK B 154 17.21 -14.82 -13.87
CA UNK B 154 17.46 -14.34 -12.51
C UNK B 154 18.76 -13.55 -12.44
N GLY B 160 11.26 0.66 -3.83
CA GLY B 160 10.46 0.92 -2.65
C GLY B 160 10.11 -0.36 -1.93
N PHE B 161 8.82 -0.68 -1.86
CA PHE B 161 8.34 -1.90 -1.21
C PHE B 161 8.42 -3.10 -2.14
N GLN B 162 8.90 -2.88 -3.36
CA GLN B 162 9.02 -3.94 -4.35
C GLN B 162 10.48 -4.28 -4.70
N HIS B 163 11.35 -4.18 -3.70
CA HIS B 163 12.77 -4.47 -3.87
C HIS B 163 13.08 -5.98 -3.80
N GLN B 164 13.60 -6.52 -4.89
CA GLN B 164 13.96 -7.93 -5.00
C GLN B 164 12.86 -8.95 -4.68
N LEU B 165 11.72 -8.82 -5.34
CA LEU B 165 10.64 -9.75 -5.12
C LEU B 165 10.43 -10.56 -6.40
N PHE B 166 10.19 -11.86 -6.27
CA PHE B 166 9.99 -12.72 -7.44
C PHE B 166 8.63 -13.41 -7.42
N TYR B 167 7.75 -12.99 -8.32
CA TYR B 167 6.40 -13.56 -8.44
C TYR B 167 6.41 -14.79 -9.35
N ILE B 168 6.25 -15.97 -8.75
CA ILE B 168 6.27 -17.25 -9.48
C ILE B 168 4.89 -17.91 -9.59
N GLN B 169 4.52 -18.31 -10.80
CA GLN B 169 3.21 -18.93 -11.04
C GLN B 169 3.31 -20.17 -11.95
N GLU B 170 2.43 -21.13 -11.72
CA GLU B 170 2.42 -22.37 -12.52
C GLU B 170 1.98 -22.05 -13.96
N TYR B 171 2.43 -22.86 -14.91
CA TYR B 171 2.03 -22.66 -16.31
C TYR B 171 0.68 -23.36 -16.47
N VAL B 172 -0.34 -22.60 -16.88
CA VAL B 172 -1.69 -23.14 -17.04
C VAL B 172 -2.08 -23.53 -18.47
N GLU B 173 -2.63 -24.74 -18.61
CA GLU B 173 -3.10 -25.24 -19.91
C GLU B 173 -4.50 -24.68 -20.08
N LYS B 174 -4.75 -24.00 -21.21
CA LYS B 174 -6.05 -23.38 -21.43
C LYS B 174 -6.89 -23.83 -22.64
N PRO B 175 -7.88 -24.70 -22.41
CA PRO B 175 -8.77 -25.22 -23.45
C PRO B 175 -9.71 -24.14 -24.02
N GLY B 176 -9.69 -22.96 -23.39
CA GLY B 176 -10.54 -21.86 -23.84
C GLY B 176 -9.77 -20.55 -23.90
N ARG B 177 -10.43 -19.51 -24.39
CA ARG B 177 -9.80 -18.19 -24.50
C ARG B 177 -9.92 -17.36 -23.23
N ASP B 178 -8.98 -16.43 -23.02
CA ASP B 178 -9.01 -15.57 -21.83
C ASP B 178 -10.21 -14.65 -21.91
N ILE B 179 -10.87 -14.44 -20.77
CA ILE B 179 -12.05 -13.59 -20.70
C ILE B 179 -11.80 -12.35 -19.84
N ARG B 180 -12.38 -11.22 -20.25
CA ARG B 180 -12.26 -9.98 -19.49
C ARG B 180 -13.65 -9.46 -19.18
N VAL B 181 -13.94 -9.32 -17.89
CA VAL B 181 -15.24 -8.84 -17.43
C VAL B 181 -15.18 -7.44 -16.81
N PHE B 182 -16.10 -6.57 -17.21
CA PHE B 182 -16.16 -5.22 -16.67
C PHE B 182 -17.18 -5.19 -15.52
N VAL B 183 -16.66 -4.98 -14.30
CA VAL B 183 -17.49 -4.93 -13.10
C VAL B 183 -17.71 -3.51 -12.57
N VAL B 184 -18.96 -3.18 -12.31
CA VAL B 184 -19.30 -1.87 -11.77
C VAL B 184 -20.14 -2.09 -10.51
N GLY B 185 -19.51 -1.91 -9.36
CA GLY B 185 -20.21 -2.12 -8.11
C GLY B 185 -20.52 -3.61 -7.94
N GLU B 186 -21.79 -3.93 -7.78
CA GLU B 186 -22.21 -5.32 -7.60
C GLU B 186 -22.72 -5.96 -8.89
N ARG B 187 -22.39 -5.37 -10.03
CA ARG B 187 -22.84 -5.89 -11.31
C ARG B 187 -21.75 -6.09 -12.36
N ALA B 188 -21.82 -7.22 -13.06
CA ALA B 188 -20.91 -7.50 -14.16
C ALA B 188 -21.74 -6.98 -15.34
N ILE B 189 -21.23 -5.98 -16.06
CA ILE B 189 -22.02 -5.41 -17.15
C ILE B 189 -21.64 -5.78 -18.57
N ALA B 190 -20.53 -6.47 -18.75
CA ALA B 190 -20.09 -6.86 -20.08
C ALA B 190 -18.80 -7.70 -20.00
N ALA B 191 -18.55 -8.49 -21.05
CA ALA B 191 -17.37 -9.33 -21.11
C ALA B 191 -16.93 -9.54 -22.55
N ILE B 192 -15.67 -9.92 -22.74
CA ILE B 192 -15.15 -10.14 -24.09
C ILE B 192 -14.06 -11.21 -24.09
N TYR B 193 -13.73 -11.71 -25.28
CA TYR B 193 -12.66 -12.69 -25.43
C TYR B 193 -11.43 -11.89 -25.88
N ARG B 194 -10.35 -11.97 -25.13
CA ARG B 194 -9.15 -11.24 -25.47
C ARG B 194 -8.37 -11.95 -26.57
N ALA B 209 -11.54 -9.51 -31.52
CA ALA B 209 -12.11 -10.01 -30.27
C ALA B 209 -13.62 -10.16 -30.39
N GLU B 210 -14.17 -11.21 -29.79
CA GLU B 210 -15.60 -11.45 -29.81
C GLU B 210 -16.24 -11.08 -28.49
N ASN B 211 -17.57 -10.97 -28.50
CA ASN B 211 -18.33 -10.64 -27.32
C ASN B 211 -18.66 -11.94 -26.59
N CYS B 212 -18.35 -12.00 -25.30
CA CYS B 212 -18.63 -13.19 -24.50
C CYS B 212 -19.91 -13.00 -23.70
N PRO B 213 -21.04 -13.50 -24.22
CA PRO B 213 -22.32 -13.36 -23.52
C PRO B 213 -22.16 -13.86 -22.09
N LEU B 214 -22.29 -12.95 -21.13
CA LEU B 214 -22.15 -13.29 -19.72
C LEU B 214 -23.04 -14.43 -19.26
N THR B 215 -22.45 -15.34 -18.48
CA THR B 215 -23.19 -16.45 -17.92
C THR B 215 -23.18 -16.23 -16.42
N GLU B 216 -24.18 -16.77 -15.73
CA GLU B 216 -24.28 -16.60 -14.28
C GLU B 216 -23.00 -16.98 -13.54
N GLU B 217 -22.30 -17.98 -14.05
CA GLU B 217 -21.05 -18.44 -13.45
C GLU B 217 -19.95 -17.39 -13.55
N VAL B 218 -19.74 -16.87 -14.76
CA VAL B 218 -18.71 -15.86 -14.97
C VAL B 218 -19.01 -14.57 -14.22
N ALA B 219 -20.25 -14.12 -14.30
CA ALA B 219 -20.67 -12.89 -13.64
C ALA B 219 -20.45 -12.99 -12.13
N ARG B 220 -20.82 -14.13 -11.57
CA ARG B 220 -20.71 -14.37 -10.13
C ARG B 220 -19.27 -14.36 -9.62
N LEU B 221 -18.36 -15.03 -10.34
CA LEU B 221 -16.96 -15.07 -9.94
C LEU B 221 -16.34 -13.69 -10.06
N SER B 222 -16.70 -12.97 -11.12
CA SER B 222 -16.16 -11.63 -11.35
C SER B 222 -16.53 -10.62 -10.26
N VAL B 223 -17.78 -10.62 -9.82
CA VAL B 223 -18.20 -9.71 -8.77
C VAL B 223 -17.47 -10.01 -7.46
N LYS B 224 -17.33 -11.30 -7.14
CA LYS B 224 -16.63 -11.68 -5.92
C LYS B 224 -15.16 -11.24 -5.94
N ALA B 225 -14.52 -11.32 -7.10
CA ALA B 225 -13.12 -10.92 -7.22
C ALA B 225 -13.04 -9.41 -7.03
N ALA B 226 -14.03 -8.68 -7.54
CA ALA B 226 -14.08 -7.24 -7.40
C ALA B 226 -14.22 -6.88 -5.93
N GLU B 227 -15.08 -7.63 -5.22
CA GLU B 227 -15.31 -7.42 -3.80
C GLU B 227 -14.09 -7.79 -2.97
N ALA B 228 -13.39 -8.84 -3.38
CA ALA B 228 -12.21 -9.30 -2.67
C ALA B 228 -11.10 -8.24 -2.53
N VAL B 229 -10.97 -7.33 -3.49
CA VAL B 229 -9.94 -6.29 -3.41
C VAL B 229 -10.48 -4.95 -2.84
N GLY B 230 -11.77 -4.92 -2.48
CA GLY B 230 -12.35 -3.71 -1.92
C GLY B 230 -13.56 -3.11 -2.61
N GLY B 231 -13.93 -3.62 -3.80
CA GLY B 231 -15.08 -3.09 -4.51
C GLY B 231 -14.80 -1.89 -5.39
N GLY B 232 -15.80 -1.46 -6.15
CA GLY B 232 -15.63 -0.32 -7.04
C GLY B 232 -15.80 -0.65 -8.52
N VAL B 233 -14.94 -0.06 -9.35
CA VAL B 233 -14.98 -0.26 -10.80
C VAL B 233 -13.68 -0.93 -11.28
N VAL B 234 -13.79 -2.21 -11.64
CA VAL B 234 -12.62 -2.96 -12.11
C VAL B 234 -12.90 -3.92 -13.27
N ALA B 235 -11.82 -4.35 -13.92
CA ALA B 235 -11.89 -5.32 -15.01
C ALA B 235 -11.20 -6.59 -14.51
N VAL B 236 -11.93 -7.70 -14.51
CA VAL B 236 -11.39 -8.98 -14.04
C VAL B 236 -11.01 -9.89 -15.22
N ASP B 237 -9.74 -10.29 -15.30
CA ASP B 237 -9.30 -11.18 -16.38
C ASP B 237 -9.26 -12.63 -15.88
N LEU B 238 -9.94 -13.52 -16.60
CA LEU B 238 -10.01 -14.92 -16.21
C LEU B 238 -9.41 -15.90 -17.22
N PHE B 239 -9.04 -17.08 -16.74
CA PHE B 239 -8.49 -18.16 -17.55
C PHE B 239 -9.53 -19.28 -17.56
N GLU B 240 -9.72 -19.90 -18.71
CA GLU B 240 -10.65 -21.03 -18.82
C GLU B 240 -9.72 -22.23 -18.85
N SER B 241 -9.33 -22.69 -17.67
CA SER B 241 -8.40 -23.82 -17.53
C SER B 241 -9.07 -25.21 -17.46
N GLU B 242 -8.22 -26.22 -17.32
CA GLU B 242 -8.70 -27.60 -17.24
C GLU B 242 -9.25 -27.87 -15.85
N ARG B 243 -9.03 -26.94 -14.93
CA ARG B 243 -9.55 -27.07 -13.56
C ARG B 243 -10.79 -26.20 -13.45
N GLY B 244 -11.12 -25.49 -14.52
CA GLY B 244 -12.27 -24.62 -14.50
C GLY B 244 -11.85 -23.16 -14.59
N LEU B 245 -12.71 -22.26 -14.15
CA LEU B 245 -12.39 -20.84 -14.19
C LEU B 245 -11.39 -20.47 -13.09
N LEU B 246 -10.39 -19.67 -13.44
CA LEU B 246 -9.40 -19.22 -12.47
C LEU B 246 -9.19 -17.71 -12.65
N VAL B 247 -9.07 -16.97 -11.55
CA VAL B 247 -8.86 -15.52 -11.64
C VAL B 247 -7.38 -15.21 -11.88
N ASN B 248 -7.09 -14.37 -12.87
CA ASN B 248 -5.71 -14.00 -13.20
C ASN B 248 -5.26 -12.61 -12.74
N GLU B 249 -6.05 -11.58 -13.02
CA GLU B 249 -5.69 -10.22 -12.66
C GLU B 249 -6.94 -9.38 -12.41
N VAL B 250 -6.79 -8.28 -11.67
CA VAL B 250 -7.89 -7.36 -11.39
C VAL B 250 -7.35 -5.95 -11.60
N ASN B 251 -7.84 -5.24 -12.61
CA ASN B 251 -7.36 -3.88 -12.93
C ASN B 251 -8.19 -2.75 -12.34
N HIS B 252 -7.51 -1.78 -11.72
CA HIS B 252 -8.16 -0.64 -11.09
C HIS B 252 -8.59 0.53 -11.99
N THR B 253 -8.06 0.61 -13.22
CA THR B 253 -8.45 1.69 -14.13
C THR B 253 -8.65 1.14 -15.56
N MET B 254 -9.69 0.33 -15.69
CA MET B 254 -10.06 -0.35 -16.93
C MET B 254 -10.18 0.49 -18.20
N GLU B 255 -9.62 -0.05 -19.29
CA GLU B 255 -9.66 0.59 -20.60
C GLU B 255 -10.82 -0.05 -21.36
N PHE B 256 -11.50 0.71 -22.22
CA PHE B 256 -12.68 0.14 -22.90
C PHE B 256 -13.09 0.70 -24.27
N LYS B 257 -12.24 1.51 -24.90
CA LYS B 257 -12.59 2.09 -26.20
C LYS B 257 -13.11 1.09 -27.24
N ASN B 258 -12.45 -0.06 -27.37
CA ASN B 258 -12.88 -1.06 -28.34
C ASN B 258 -14.07 -1.89 -27.86
N SER B 259 -14.10 -2.16 -26.56
CA SER B 259 -15.13 -2.97 -25.93
C SER B 259 -16.56 -2.46 -26.08
N VAL B 260 -16.72 -1.15 -26.21
CA VAL B 260 -18.05 -0.57 -26.36
C VAL B 260 -18.76 -1.13 -27.59
N HIS B 261 -18.05 -1.15 -28.72
CA HIS B 261 -18.63 -1.67 -29.95
C HIS B 261 -18.73 -3.20 -29.91
N THR B 262 -17.65 -3.85 -29.49
CA THR B 262 -17.62 -5.30 -29.41
C THR B 262 -18.81 -5.85 -28.63
N THR B 263 -19.11 -5.24 -27.48
CA THR B 263 -20.21 -5.72 -26.63
C THR B 263 -21.53 -4.96 -26.81
N GLY B 264 -21.44 -3.74 -27.34
CA GLY B 264 -22.66 -2.95 -27.52
C GLY B 264 -23.24 -2.44 -26.20
N VAL B 265 -22.41 -2.37 -25.15
CA VAL B 265 -22.88 -1.87 -23.86
C VAL B 265 -22.25 -0.51 -23.58
N ASP B 266 -23.00 0.38 -22.91
CA ASP B 266 -22.53 1.73 -22.59
C ASP B 266 -21.70 1.74 -21.32
N ILE B 267 -20.49 1.19 -21.42
CA ILE B 267 -19.56 1.11 -20.31
C ILE B 267 -19.28 2.45 -19.60
N PRO B 268 -18.94 3.52 -20.37
CA PRO B 268 -18.67 4.84 -19.78
C PRO B 268 -19.83 5.42 -18.96
N GLY B 269 -21.04 5.31 -19.50
CA GLY B 269 -22.22 5.83 -18.82
C GLY B 269 -22.51 5.10 -17.52
N GLU B 270 -22.25 3.81 -17.50
CA GLU B 270 -22.48 3.02 -16.30
C GLU B 270 -21.48 3.46 -15.23
N ILE B 271 -20.24 3.74 -15.65
CA ILE B 271 -19.19 4.17 -14.74
C ILE B 271 -19.50 5.53 -14.11
N LEU B 272 -19.96 6.47 -14.93
CA LEU B 272 -20.29 7.82 -14.46
C LEU B 272 -21.46 7.82 -13.48
N LYS B 273 -22.48 7.00 -13.77
CA LYS B 273 -23.65 6.93 -12.91
C LYS B 273 -23.27 6.35 -11.55
N TYR B 274 -22.53 5.24 -11.57
CA TYR B 274 -22.11 4.59 -10.35
C TYR B 274 -21.41 5.61 -9.45
N ALA B 275 -20.43 6.31 -10.01
CA ALA B 275 -19.68 7.31 -9.26
C ALA B 275 -20.59 8.40 -8.72
N TRP B 276 -21.42 8.96 -9.60
CA TRP B 276 -22.33 10.04 -9.22
C TRP B 276 -23.27 9.64 -8.07
N SER B 277 -23.59 8.35 -7.95
CA SER B 277 -24.49 7.88 -6.90
C SER B 277 -23.82 7.87 -5.53
N LEU B 278 -22.50 8.01 -5.50
CA LEU B 278 -21.75 8.02 -4.26
C LEU B 278 -21.51 9.45 -3.78
N ALA B 279 -21.99 10.43 -4.54
CA ALA B 279 -21.81 11.84 -4.23
C ALA B 279 -21.96 12.13 -2.75
N SER B 280 -21.06 12.97 -2.22
CA SER B 280 -21.05 13.37 -0.82
C SER B 280 -20.41 14.74 -0.66
#